data_9GC5
#
_entry.id   9GC5
#
_cell.length_a   35.872
_cell.length_b   76.154
_cell.length_c   77.967
_cell.angle_alpha   66.88
_cell.angle_beta   83.58
_cell.angle_gamma   87.00
#
_symmetry.space_group_name_H-M   'P 1'
#
loop_
_entity.id
_entity.type
_entity.pdbx_description
1 polymer 'Epidermal growth factor receptor'
2 non-polymer 1-[2-[5-(1,3-benzoxazol-4-yl)-2,4-bis(fluoranyl)phenyl]-3-pyrimidin-4-yl-4,6-dihydropyrrolo[3,4-d]imidazol-5-yl]propan-1-one
3 non-polymer 'SULFATE ION'
4 water water
#
_entity_poly.entity_id   1
_entity_poly.type   'polypeptide(L)'
_entity_poly.pdbx_seq_one_letter_code
;GSSGEAPNQALLRILKETEFKKIKVLGSGAFGTVYKGLWIPEGEKVKIPVAIKELREATSPKANKEILDEAYVMASVDNP
HVCRLLGICLTSTVQLITQLMPFGCLLDYVREHKDNIGSQYLLNWCVQIAKGMNYLEDRRLVHRDLAARNVLVKTPQHVK
ITDFGLAKLLGAEEKEYHAEGGKVPIKWMALESILHRIYTHQSDVWSYGVTVWELMTFGSKPYDGIPASEISSILEKGER
LPQPPICTIDVYMIMRKCWMIDADSRPKFRELIIEFSKMARDPQRYLVIQGDERMHLPSPTDSNFYRALMDEEDMDDVVD
ADEYLIPQQG
;
_entity_poly.pdbx_strand_id   A,B
#
loop_
_chem_comp.id
_chem_comp.type
_chem_comp.name
_chem_comp.formula
A1IZ8 non-polymer 1-[2-[5-(1,3-benzoxazol-4-yl)-2,4-bis(fluoranyl)phenyl]-3-pyrimidin-4-yl-4,6-dihydropyrrolo[3,4-d]imidazol-5-yl]propan-1-one 'C25 H18 F2 N6 O2'
SO4 non-polymer 'SULFATE ION' 'O4 S -2'
#
# COMPACT_ATOMS: atom_id res chain seq x y z
N PRO A 7 20.08 -16.72 -0.75
CA PRO A 7 19.05 -16.30 -1.72
C PRO A 7 17.68 -16.90 -1.41
N ASN A 8 16.71 -16.05 -1.03
CA ASN A 8 15.36 -16.55 -0.78
C ASN A 8 14.53 -16.49 -2.05
N GLN A 9 14.27 -17.67 -2.65
CA GLN A 9 13.46 -17.89 -3.86
C GLN A 9 12.04 -17.40 -3.66
N ALA A 10 11.53 -17.44 -2.42
CA ALA A 10 10.18 -16.95 -2.11
C ALA A 10 10.08 -15.41 -2.21
N LEU A 11 11.22 -14.70 -2.26
CA LEU A 11 11.17 -13.25 -2.43
C LEU A 11 10.95 -12.84 -3.89
N LEU A 12 11.16 -13.76 -4.84
CA LEU A 12 10.97 -13.47 -6.24
C LEU A 12 9.86 -14.33 -6.83
N ARG A 13 8.87 -13.66 -7.41
CA ARG A 13 7.76 -14.35 -8.03
C ARG A 13 8.03 -14.50 -9.53
N ILE A 14 8.10 -15.76 -10.03
CA ILE A 14 8.28 -16.00 -11.47
C ILE A 14 6.92 -15.81 -12.11
N LEU A 15 6.80 -14.87 -13.02
CA LEU A 15 5.53 -14.53 -13.65
C LEU A 15 5.45 -15.00 -15.10
N LYS A 16 4.28 -15.53 -15.49
CA LYS A 16 4.07 -15.94 -16.89
C LYS A 16 3.38 -14.79 -17.63
N GLU A 17 3.67 -14.65 -18.94
CA GLU A 17 3.09 -13.62 -19.81
C GLU A 17 1.56 -13.58 -19.80
N THR A 18 0.89 -14.68 -19.45
CA THR A 18 -0.57 -14.71 -19.38
C THR A 18 -1.16 -14.08 -18.11
N GLU A 19 -0.33 -13.85 -17.06
CA GLU A 19 -0.79 -13.27 -15.79
C GLU A 19 -0.77 -11.74 -15.79
N PHE A 20 -0.10 -11.10 -16.75
CA PHE A 20 0.00 -9.64 -16.76
C PHE A 20 0.00 -9.04 -18.16
N LYS A 21 -0.34 -7.75 -18.27
CA LYS A 21 -0.40 -7.05 -19.54
C LYS A 21 0.06 -5.60 -19.39
N LYS A 22 0.96 -5.16 -20.26
CA LYS A 22 1.39 -3.76 -20.29
C LYS A 22 0.24 -2.96 -20.90
N ILE A 23 -0.11 -1.79 -20.34
CA ILE A 23 -1.22 -1.01 -20.85
C ILE A 23 -0.85 0.43 -21.21
N LYS A 24 0.32 0.93 -20.76
CA LYS A 24 0.71 2.31 -21.07
C LYS A 24 2.21 2.57 -20.90
N VAL A 25 2.86 3.19 -21.90
CA VAL A 25 4.28 3.54 -21.76
C VAL A 25 4.38 4.79 -20.87
N LEU A 26 5.10 4.67 -19.74
CA LEU A 26 5.30 5.78 -18.82
C LEU A 26 6.54 6.61 -19.18
N GLY A 27 7.59 5.93 -19.66
CA GLY A 27 8.84 6.56 -20.06
C GLY A 27 9.88 5.57 -20.53
N SER A 28 10.91 6.04 -21.23
CA SER A 28 11.99 5.18 -21.73
C SER A 28 13.36 5.68 -21.25
N GLY A 29 14.34 4.78 -21.21
CA GLY A 29 15.71 5.08 -20.83
C GLY A 29 16.72 4.24 -21.59
N ALA A 30 17.99 4.29 -21.17
CA ALA A 30 19.05 3.55 -21.84
C ALA A 30 18.99 2.03 -21.70
N PHE A 31 18.31 1.53 -20.68
CA PHE A 31 18.23 0.09 -20.44
C PHE A 31 16.89 -0.53 -20.83
N GLY A 32 15.83 0.25 -20.68
CA GLY A 32 14.51 -0.24 -20.99
C GLY A 32 13.41 0.77 -20.92
N THR A 33 12.20 0.28 -21.12
CA THR A 33 11.01 1.09 -21.13
C THR A 33 10.16 0.74 -19.93
N VAL A 34 9.67 1.77 -19.24
CA VAL A 34 8.80 1.63 -18.08
C VAL A 34 7.36 1.68 -18.56
N TYR A 35 6.55 0.72 -18.13
CA TYR A 35 5.13 0.60 -18.46
C TYR A 35 4.27 0.52 -17.20
N LYS A 36 3.05 1.00 -17.31
CA LYS A 36 2.03 0.81 -16.30
C LYS A 36 1.38 -0.50 -16.77
N GLY A 37 1.39 -1.48 -15.91
CA GLY A 37 0.83 -2.80 -16.21
C GLY A 37 -0.32 -3.18 -15.30
N LEU A 38 -0.92 -4.33 -15.57
CA LEU A 38 -2.01 -4.84 -14.75
C LEU A 38 -1.73 -6.30 -14.53
N TRP A 39 -1.80 -6.73 -13.29
CA TRP A 39 -1.61 -8.12 -12.96
C TRP A 39 -2.98 -8.69 -12.64
N ILE A 40 -3.31 -9.82 -13.26
CA ILE A 40 -4.58 -10.53 -13.06
C ILE A 40 -4.16 -11.84 -12.43
N PRO A 41 -4.23 -11.95 -11.09
CA PRO A 41 -3.79 -13.19 -10.42
C PRO A 41 -4.56 -14.45 -10.84
N GLU A 42 -3.86 -15.60 -10.87
CA GLU A 42 -4.40 -16.90 -11.25
C GLU A 42 -5.71 -17.24 -10.52
N GLY A 43 -6.78 -17.37 -11.30
CA GLY A 43 -8.07 -17.73 -10.75
C GLY A 43 -8.84 -16.58 -10.12
N GLU A 44 -8.46 -15.34 -10.46
CA GLU A 44 -9.16 -14.17 -9.93
C GLU A 44 -9.68 -13.28 -11.07
N LYS A 45 -10.44 -12.23 -10.76
CA LYS A 45 -10.96 -11.31 -11.76
C LYS A 45 -10.34 -9.91 -11.69
N VAL A 46 -9.68 -9.59 -10.56
CA VAL A 46 -9.07 -8.28 -10.29
C VAL A 46 -7.95 -7.86 -11.24
N LYS A 47 -7.81 -6.54 -11.41
CA LYS A 47 -6.75 -5.94 -12.21
C LYS A 47 -5.93 -5.10 -11.24
N ILE A 48 -4.73 -5.58 -10.89
CA ILE A 48 -3.85 -4.91 -9.94
C ILE A 48 -2.79 -4.10 -10.68
N PRO A 49 -2.77 -2.77 -10.53
CA PRO A 49 -1.73 -1.98 -11.21
C PRO A 49 -0.32 -2.32 -10.73
N VAL A 50 0.59 -2.56 -11.67
CA VAL A 50 1.98 -2.86 -11.42
C VAL A 50 2.89 -2.01 -12.33
N ALA A 51 4.18 -1.93 -12.02
CA ALA A 51 5.13 -1.23 -12.87
C ALA A 51 6.01 -2.30 -13.51
N ILE A 52 6.13 -2.27 -14.83
CA ILE A 52 6.94 -3.25 -15.54
C ILE A 52 8.02 -2.50 -16.30
N LYS A 53 9.24 -3.00 -16.25
CA LYS A 53 10.32 -2.44 -17.06
C LYS A 53 10.80 -3.58 -17.97
N GLU A 54 10.84 -3.32 -19.28
CA GLU A 54 11.31 -4.35 -20.22
C GLU A 54 12.68 -3.98 -20.71
N LEU A 55 13.65 -4.86 -20.51
CA LEU A 55 15.02 -4.60 -20.93
C LEU A 55 15.12 -4.89 -22.42
N ARG A 56 15.60 -3.88 -23.15
CA ARG A 56 15.61 -3.84 -24.61
C ARG A 56 16.71 -4.64 -25.33
N GLU A 57 17.53 -5.45 -24.62
CA GLU A 57 18.56 -6.24 -25.29
C GLU A 57 18.00 -7.63 -25.60
N ALA A 58 18.34 -8.20 -26.75
CA ALA A 58 17.83 -9.52 -27.14
C ALA A 58 18.42 -10.64 -26.27
N THR A 59 17.67 -11.07 -25.24
CA THR A 59 18.17 -12.12 -24.34
C THR A 59 17.88 -13.55 -24.85
N SER A 60 18.69 -14.50 -24.39
CA SER A 60 18.60 -15.91 -24.76
C SER A 60 18.38 -16.78 -23.50
N PRO A 61 17.83 -18.00 -23.64
CA PRO A 61 17.64 -18.85 -22.46
C PRO A 61 18.95 -19.36 -21.83
N LYS A 62 20.11 -19.11 -22.46
CA LYS A 62 21.41 -19.52 -21.89
C LYS A 62 21.76 -18.57 -20.73
N ALA A 63 21.51 -17.27 -20.92
CA ALA A 63 21.73 -16.25 -19.90
C ALA A 63 20.74 -16.39 -18.72
N ASN A 64 19.58 -17.05 -18.93
CA ASN A 64 18.50 -17.27 -17.95
C ASN A 64 18.95 -17.57 -16.53
N LYS A 65 19.81 -18.59 -16.33
CA LYS A 65 20.28 -18.93 -14.99
C LYS A 65 21.00 -17.76 -14.32
N GLU A 66 21.84 -17.04 -15.08
CA GLU A 66 22.60 -15.89 -14.59
C GLU A 66 21.71 -14.67 -14.33
N ILE A 67 20.73 -14.44 -15.22
CA ILE A 67 19.77 -13.35 -15.08
C ILE A 67 18.94 -13.58 -13.81
N LEU A 68 18.48 -14.82 -13.63
CA LEU A 68 17.70 -15.23 -12.47
C LEU A 68 18.49 -15.13 -11.18
N ASP A 69 19.78 -15.48 -11.20
CA ASP A 69 20.62 -15.33 -10.02
C ASP A 69 20.72 -13.87 -9.59
N GLU A 70 20.74 -12.94 -10.55
CA GLU A 70 20.82 -11.50 -10.28
C GLU A 70 19.47 -11.00 -9.77
N ALA A 71 18.40 -11.45 -10.40
CA ALA A 71 17.05 -11.08 -10.01
C ALA A 71 16.75 -11.60 -8.59
N TYR A 72 17.36 -12.72 -8.14
CA TYR A 72 17.16 -13.17 -6.75
C TYR A 72 17.80 -12.19 -5.74
N VAL A 73 18.94 -11.62 -6.12
CA VAL A 73 19.64 -10.63 -5.29
C VAL A 73 18.83 -9.34 -5.23
N MET A 74 18.32 -8.84 -6.37
CA MET A 74 17.50 -7.63 -6.44
C MET A 74 16.21 -7.78 -5.64
N ALA A 75 15.66 -9.02 -5.57
CA ALA A 75 14.46 -9.34 -4.82
C ALA A 75 14.69 -9.46 -3.30
N SER A 76 15.96 -9.59 -2.86
CA SER A 76 16.30 -9.73 -1.45
C SER A 76 16.42 -8.40 -0.69
N VAL A 77 16.65 -7.29 -1.40
CA VAL A 77 16.87 -6.01 -0.72
C VAL A 77 15.62 -5.51 0.03
N ASP A 78 15.70 -5.50 1.38
CA ASP A 78 14.57 -5.08 2.20
C ASP A 78 14.88 -3.84 3.00
N ASN A 79 14.55 -2.67 2.44
CA ASN A 79 14.78 -1.40 3.12
C ASN A 79 13.72 -0.35 2.70
N PRO A 80 13.20 0.49 3.63
CA PRO A 80 12.22 1.53 3.24
C PRO A 80 12.68 2.48 2.13
N HIS A 81 14.00 2.58 1.90
CA HIS A 81 14.50 3.49 0.89
C HIS A 81 15.09 2.82 -0.33
N VAL A 82 14.77 1.55 -0.58
CA VAL A 82 15.24 0.82 -1.75
C VAL A 82 14.07 0.04 -2.36
N CYS A 83 13.82 0.18 -3.67
CA CYS A 83 12.78 -0.59 -4.34
C CYS A 83 13.29 -2.00 -4.45
N ARG A 84 12.55 -2.96 -3.92
CA ARG A 84 12.96 -4.34 -4.15
C ARG A 84 12.20 -4.90 -5.36
N LEU A 85 12.86 -5.78 -6.11
CA LEU A 85 12.23 -6.43 -7.26
C LEU A 85 11.20 -7.43 -6.72
N LEU A 86 9.97 -7.39 -7.24
CA LEU A 86 8.90 -8.29 -6.76
C LEU A 86 8.76 -9.49 -7.67
N GLY A 87 8.70 -9.24 -8.97
CA GLY A 87 8.56 -10.32 -9.94
C GLY A 87 9.41 -10.16 -11.19
N ILE A 88 9.43 -11.21 -12.00
CA ILE A 88 10.17 -11.23 -13.25
C ILE A 88 9.52 -12.17 -14.26
N CYS A 89 9.64 -11.84 -15.54
CA CYS A 89 9.15 -12.69 -16.61
C CYS A 89 10.23 -12.83 -17.68
N LEU A 90 10.82 -14.04 -17.81
CA LEU A 90 11.87 -14.34 -18.79
C LEU A 90 11.33 -15.11 -19.99
N THR A 91 11.20 -14.44 -21.14
CA THR A 91 10.76 -15.04 -22.41
C THR A 91 11.92 -14.75 -23.43
N SER A 92 11.70 -13.94 -24.49
CA SER A 92 12.76 -13.49 -25.40
C SER A 92 13.37 -12.19 -24.80
N THR A 93 12.55 -11.39 -24.08
CA THR A 93 12.90 -10.16 -23.37
C THR A 93 12.88 -10.40 -21.83
N VAL A 94 13.44 -9.46 -21.05
CA VAL A 94 13.41 -9.56 -19.60
C VAL A 94 12.43 -8.52 -19.09
N GLN A 95 11.44 -8.94 -18.30
CA GLN A 95 10.46 -8.02 -17.74
C GLN A 95 10.52 -8.00 -16.22
N LEU A 96 10.82 -6.84 -15.64
CA LEU A 96 10.99 -6.66 -14.21
C LEU A 96 9.74 -6.03 -13.67
N ILE A 97 9.12 -6.68 -12.69
CA ILE A 97 7.88 -6.18 -12.11
C ILE A 97 8.06 -5.73 -10.66
N THR A 98 7.60 -4.51 -10.36
CA THR A 98 7.62 -3.97 -9.00
C THR A 98 6.30 -3.17 -8.72
N GLN A 99 6.15 -2.61 -7.52
CA GLN A 99 5.00 -1.82 -7.13
C GLN A 99 4.97 -0.55 -7.98
N LEU A 100 3.79 -0.20 -8.50
CA LEU A 100 3.64 1.01 -9.31
C LEU A 100 3.70 2.27 -8.43
N MET A 101 4.58 3.20 -8.79
CA MET A 101 4.73 4.45 -8.05
C MET A 101 4.27 5.61 -8.96
N PRO A 102 3.03 6.08 -8.77
CA PRO A 102 2.49 7.14 -9.65
C PRO A 102 3.33 8.39 -9.84
N PHE A 103 4.00 8.87 -8.77
CA PHE A 103 4.81 10.09 -8.78
C PHE A 103 6.06 10.07 -9.67
N GLY A 104 6.42 8.91 -10.20
CA GLY A 104 7.59 8.77 -11.05
C GLY A 104 8.89 9.00 -10.31
N CYS A 105 9.97 9.33 -11.05
CA CYS A 105 11.28 9.57 -10.49
C CYS A 105 11.47 10.96 -9.90
N LEU A 106 12.43 11.07 -8.98
CA LEU A 106 12.79 12.30 -8.31
C LEU A 106 13.40 13.31 -9.27
N LEU A 107 14.03 12.89 -10.36
CA LEU A 107 14.57 13.81 -11.36
C LEU A 107 13.41 14.61 -12.00
N ASP A 108 12.39 13.92 -12.52
CA ASP A 108 11.24 14.57 -13.12
C ASP A 108 10.44 15.36 -12.11
N TYR A 109 10.40 14.88 -10.86
CA TYR A 109 9.72 15.57 -9.78
C TYR A 109 10.36 16.92 -9.49
N VAL A 110 11.70 16.99 -9.28
CA VAL A 110 12.34 18.28 -9.03
C VAL A 110 12.27 19.21 -10.25
N ARG A 111 12.17 18.65 -11.47
CA ARG A 111 12.05 19.47 -12.66
C ARG A 111 10.67 20.10 -12.68
N GLU A 112 9.60 19.31 -12.56
CA GLU A 112 8.22 19.78 -12.60
C GLU A 112 7.87 20.71 -11.41
N HIS A 113 8.63 20.65 -10.31
CA HIS A 113 8.47 21.53 -9.15
C HIS A 113 9.65 22.49 -8.99
N LYS A 114 10.26 22.91 -10.12
CA LYS A 114 11.41 23.82 -10.21
C LYS A 114 11.13 25.08 -9.42
N ASP A 115 12.05 25.44 -8.52
CA ASP A 115 11.94 26.59 -7.63
C ASP A 115 10.61 26.61 -6.86
N ASN A 116 10.11 25.42 -6.50
CA ASN A 116 8.89 25.28 -5.70
C ASN A 116 9.07 24.21 -4.60
N ILE A 117 10.31 23.79 -4.30
CA ILE A 117 10.57 22.79 -3.29
C ILE A 117 11.28 23.42 -2.11
N GLY A 118 10.81 23.13 -0.91
CA GLY A 118 11.40 23.65 0.29
C GLY A 118 12.69 22.96 0.64
N SER A 119 13.53 23.63 1.40
CA SER A 119 14.79 23.07 1.86
C SER A 119 14.58 21.78 2.67
N GLN A 120 13.50 21.70 3.45
CA GLN A 120 13.16 20.55 4.27
C GLN A 120 13.03 19.26 3.42
N TYR A 121 12.42 19.35 2.23
CA TYR A 121 12.28 18.19 1.36
C TYR A 121 13.60 17.74 0.78
N LEU A 122 14.35 18.67 0.18
CA LEU A 122 15.66 18.44 -0.45
C LEU A 122 16.64 17.77 0.50
N LEU A 123 16.81 18.31 1.71
CA LEU A 123 17.70 17.71 2.70
C LEU A 123 17.24 16.33 3.20
N ASN A 124 15.92 16.13 3.39
CA ASN A 124 15.37 14.83 3.79
C ASN A 124 15.53 13.80 2.69
N TRP A 125 15.40 14.19 1.42
CA TRP A 125 15.63 13.28 0.31
C TRP A 125 17.12 12.86 0.31
N CYS A 126 18.02 13.78 0.61
CA CYS A 126 19.45 13.49 0.70
C CYS A 126 19.72 12.48 1.79
N VAL A 127 19.01 12.59 2.93
CA VAL A 127 19.12 11.64 4.04
C VAL A 127 18.63 10.26 3.61
N GLN A 128 17.44 10.22 2.97
CA GLN A 128 16.79 8.98 2.55
C GLN A 128 17.57 8.24 1.49
N ILE A 129 18.16 8.97 0.53
CA ILE A 129 18.98 8.34 -0.50
C ILE A 129 20.24 7.73 0.13
N ALA A 130 20.85 8.45 1.09
CA ALA A 130 22.03 7.95 1.79
C ALA A 130 21.70 6.75 2.69
N LYS A 131 20.49 6.68 3.23
CA LYS A 131 20.07 5.56 4.06
C LYS A 131 19.95 4.28 3.25
N GLY A 132 19.39 4.40 2.05
CA GLY A 132 19.22 3.28 1.15
C GLY A 132 20.55 2.79 0.61
N MET A 133 21.46 3.73 0.32
CA MET A 133 22.78 3.40 -0.18
C MET A 133 23.60 2.73 0.91
N ASN A 134 23.50 3.24 2.15
CA ASN A 134 24.16 2.65 3.31
C ASN A 134 23.65 1.22 3.52
N TYR A 135 22.34 0.96 3.35
CA TYR A 135 21.81 -0.38 3.44
C TYR A 135 22.46 -1.30 2.39
N LEU A 136 22.56 -0.83 1.14
CA LEU A 136 23.17 -1.62 0.09
C LEU A 136 24.64 -1.92 0.41
N GLU A 137 25.34 -0.94 1.01
CA GLU A 137 26.74 -1.07 1.41
C GLU A 137 26.87 -2.11 2.52
N ASP A 138 25.96 -2.07 3.51
CA ASP A 138 25.96 -3.07 4.57
C ASP A 138 25.76 -4.48 4.01
N ARG A 139 24.91 -4.65 2.99
CA ARG A 139 24.71 -5.95 2.33
C ARG A 139 25.87 -6.31 1.38
N ARG A 140 26.92 -5.46 1.28
CA ARG A 140 28.10 -5.60 0.43
C ARG A 140 27.69 -5.55 -1.06
N LEU A 141 26.77 -4.67 -1.40
CA LEU A 141 26.30 -4.53 -2.77
C LEU A 141 26.65 -3.16 -3.33
N VAL A 142 27.10 -3.11 -4.56
CA VAL A 142 27.39 -1.85 -5.24
C VAL A 142 26.26 -1.57 -6.24
N HIS A 143 25.67 -0.36 -6.19
CA HIS A 143 24.56 0.00 -7.09
C HIS A 143 25.08 0.16 -8.53
N ARG A 144 26.17 0.92 -8.68
CA ARG A 144 26.81 1.17 -9.98
C ARG A 144 26.11 2.22 -10.83
N ASP A 145 24.85 2.57 -10.52
CA ASP A 145 24.13 3.54 -11.33
C ASP A 145 23.23 4.51 -10.52
N LEU A 146 23.76 5.09 -9.44
CA LEU A 146 22.96 6.01 -8.64
C LEU A 146 22.81 7.31 -9.42
N ALA A 147 21.58 7.80 -9.56
CA ALA A 147 21.30 9.04 -10.30
C ALA A 147 19.88 9.49 -9.93
N ALA A 148 19.54 10.78 -10.05
CA ALA A 148 18.18 11.24 -9.70
C ALA A 148 17.06 10.51 -10.51
N ARG A 149 17.34 10.08 -11.76
CA ARG A 149 16.39 9.29 -12.56
C ARG A 149 16.13 7.90 -11.91
N ASN A 150 17.11 7.39 -11.10
CA ASN A 150 17.05 6.11 -10.40
C ASN A 150 16.67 6.25 -8.93
N VAL A 151 16.03 7.33 -8.56
CA VAL A 151 15.47 7.51 -7.25
C VAL A 151 13.98 7.79 -7.53
N LEU A 152 13.05 6.96 -6.98
CA LEU A 152 11.61 7.09 -7.19
C LEU A 152 10.87 7.74 -6.03
N VAL A 153 9.81 8.44 -6.36
CA VAL A 153 8.98 9.12 -5.38
C VAL A 153 7.81 8.22 -5.03
N LYS A 154 7.76 7.75 -3.77
CA LYS A 154 6.65 6.93 -3.25
C LYS A 154 5.54 7.92 -2.89
N THR A 155 5.89 8.94 -2.10
CA THR A 155 5.11 10.13 -1.72
C THR A 155 6.14 11.29 -1.71
N PRO A 156 5.71 12.56 -1.76
CA PRO A 156 6.68 13.66 -1.70
C PRO A 156 7.62 13.59 -0.48
N GLN A 157 7.24 12.84 0.57
CA GLN A 157 8.06 12.72 1.79
C GLN A 157 8.86 11.39 1.88
N HIS A 158 8.78 10.53 0.87
CA HIS A 158 9.38 9.21 0.93
C HIS A 158 9.89 8.79 -0.45
N VAL A 159 11.22 8.73 -0.57
CA VAL A 159 11.89 8.37 -1.80
C VAL A 159 12.62 7.03 -1.62
N LYS A 160 12.79 6.30 -2.73
CA LYS A 160 13.40 4.97 -2.77
C LYS A 160 14.30 4.81 -3.99
N ILE A 161 15.52 4.30 -3.81
CA ILE A 161 16.43 4.08 -4.91
C ILE A 161 15.96 2.88 -5.68
N THR A 162 15.87 3.02 -7.03
CA THR A 162 15.50 1.97 -7.99
C THR A 162 16.69 1.55 -8.90
N ASP A 163 16.46 0.56 -9.79
CA ASP A 163 17.38 -0.01 -10.75
C ASP A 163 18.65 -0.56 -10.12
N PHE A 164 18.55 -1.11 -8.88
CA PHE A 164 19.73 -1.73 -8.27
C PHE A 164 19.94 -3.06 -9.04
N GLY A 165 21.16 -3.27 -9.48
CA GLY A 165 21.53 -4.52 -10.12
C GLY A 165 21.44 -4.63 -11.63
N LEU A 166 20.69 -3.73 -12.34
CA LEU A 166 20.54 -3.94 -13.79
C LEU A 166 21.68 -3.36 -14.64
N ALA A 167 22.65 -2.67 -14.04
CA ALA A 167 23.83 -2.25 -14.80
C ALA A 167 24.67 -3.55 -14.98
N LYS A 168 24.86 -4.32 -13.87
CA LYS A 168 25.55 -5.61 -13.82
C LYS A 168 24.85 -6.62 -14.75
N LEU A 169 23.49 -6.59 -14.75
CA LEU A 169 22.51 -7.36 -15.54
C LEU A 169 21.78 -8.40 -14.70
N VAL A 184 26.61 3.83 -20.84
CA VAL A 184 27.11 3.97 -19.47
C VAL A 184 27.00 5.42 -19.00
N PRO A 185 26.64 5.63 -17.73
CA PRO A 185 26.44 7.00 -17.22
C PRO A 185 27.72 7.77 -16.85
N ILE A 186 28.57 8.06 -17.85
CA ILE A 186 29.86 8.74 -17.70
C ILE A 186 29.84 9.93 -16.74
N LYS A 187 28.85 10.82 -16.88
CA LYS A 187 28.79 12.06 -16.12
C LYS A 187 28.44 11.90 -14.62
N TRP A 188 27.99 10.71 -14.22
CA TRP A 188 27.69 10.35 -12.83
C TRP A 188 28.78 9.50 -12.21
N MET A 189 29.66 8.90 -13.05
CA MET A 189 30.70 7.98 -12.64
C MET A 189 31.94 8.60 -12.07
N ALA A 190 32.53 7.91 -11.10
CA ALA A 190 33.77 8.34 -10.50
C ALA A 190 34.92 8.17 -11.49
N LEU A 191 35.98 8.97 -11.38
CA LEU A 191 37.11 8.90 -12.34
C LEU A 191 37.67 7.49 -12.54
N GLU A 192 37.90 6.73 -11.43
CA GLU A 192 38.38 5.35 -11.48
C GLU A 192 37.41 4.41 -12.21
N SER A 193 36.10 4.73 -12.24
CA SER A 193 35.13 3.88 -12.95
C SER A 193 35.16 4.17 -14.45
N ILE A 194 35.41 5.42 -14.83
CA ILE A 194 35.52 5.80 -16.24
C ILE A 194 36.80 5.19 -16.81
N LEU A 195 37.91 5.35 -16.09
CA LEU A 195 39.21 4.87 -16.52
C LEU A 195 39.41 3.37 -16.44
N HIS A 196 39.02 2.74 -15.31
CA HIS A 196 39.30 1.34 -15.11
C HIS A 196 38.10 0.45 -14.85
N ARG A 197 36.86 0.94 -15.04
CA ARG A 197 35.65 0.15 -14.77
C ARG A 197 35.66 -0.49 -13.36
N ILE A 198 36.22 0.21 -12.39
CA ILE A 198 36.25 -0.21 -11.00
C ILE A 198 35.00 0.39 -10.30
N TYR A 199 34.15 -0.45 -9.73
CA TYR A 199 32.95 0.01 -9.05
C TYR A 199 32.94 -0.45 -7.62
N THR A 200 32.97 0.49 -6.68
CA THR A 200 32.95 0.18 -5.27
C THR A 200 31.88 1.07 -4.53
N HIS A 201 31.70 0.86 -3.22
CA HIS A 201 30.84 1.69 -2.39
C HIS A 201 31.28 3.18 -2.48
N GLN A 202 32.58 3.41 -2.67
CA GLN A 202 33.18 4.74 -2.80
C GLN A 202 32.95 5.39 -4.18
N SER A 203 32.81 4.60 -5.26
CA SER A 203 32.38 5.19 -6.56
C SER A 203 30.85 5.48 -6.50
N ASP A 204 30.07 4.75 -5.67
CA ASP A 204 28.64 5.04 -5.44
C ASP A 204 28.51 6.38 -4.68
N VAL A 205 29.48 6.70 -3.79
CA VAL A 205 29.52 7.98 -3.06
C VAL A 205 29.67 9.12 -4.05
N TRP A 206 30.54 8.94 -5.09
CA TRP A 206 30.71 9.95 -6.12
C TRP A 206 29.34 10.22 -6.86
N SER A 207 28.66 9.17 -7.28
CA SER A 207 27.37 9.29 -7.95
C SER A 207 26.32 9.92 -7.03
N TYR A 208 26.40 9.67 -5.71
CA TYR A 208 25.52 10.25 -4.72
C TYR A 208 25.72 11.78 -4.74
N GLY A 209 26.97 12.24 -4.84
CA GLY A 209 27.38 13.63 -4.97
C GLY A 209 26.71 14.29 -6.15
N VAL A 210 26.77 13.63 -7.32
CA VAL A 210 26.13 14.08 -8.55
C VAL A 210 24.60 14.07 -8.42
N THR A 211 24.01 13.02 -7.78
CA THR A 211 22.57 12.90 -7.54
C THR A 211 22.10 14.08 -6.70
N VAL A 212 22.85 14.41 -5.62
CA VAL A 212 22.56 15.57 -4.76
C VAL A 212 22.56 16.85 -5.61
N TRP A 213 23.60 17.02 -6.46
CA TRP A 213 23.75 18.17 -7.36
C TRP A 213 22.54 18.29 -8.27
N GLU A 214 22.01 17.15 -8.79
CA GLU A 214 20.81 17.13 -9.64
C GLU A 214 19.58 17.65 -8.89
N LEU A 215 19.47 17.34 -7.58
CA LEU A 215 18.34 17.80 -6.77
C LEU A 215 18.46 19.29 -6.46
N MET A 216 19.64 19.74 -6.06
CA MET A 216 19.91 21.11 -5.70
C MET A 216 19.80 22.10 -6.86
N THR A 217 19.90 21.62 -8.10
CA THR A 217 19.76 22.39 -9.34
C THR A 217 18.42 22.13 -10.05
N PHE A 218 17.48 21.39 -9.39
CA PHE A 218 16.14 21.07 -9.87
C PHE A 218 16.15 20.38 -11.21
N GLY A 219 17.01 19.38 -11.31
CA GLY A 219 17.11 18.52 -12.47
C GLY A 219 18.00 19.00 -13.58
N SER A 220 19.00 19.83 -13.30
CA SER A 220 19.95 20.28 -14.34
C SER A 220 20.79 19.10 -14.82
N LYS A 221 21.16 19.08 -16.11
CA LYS A 221 22.00 18.01 -16.64
C LYS A 221 23.43 18.28 -16.24
N PRO A 222 24.12 17.32 -15.59
CA PRO A 222 25.52 17.57 -15.20
C PRO A 222 26.43 17.69 -16.41
N TYR A 223 27.36 18.66 -16.40
CA TYR A 223 28.29 18.92 -17.51
C TYR A 223 27.54 19.06 -18.85
N ASP A 224 26.59 19.99 -18.89
CA ASP A 224 25.79 20.21 -20.08
C ASP A 224 26.65 20.79 -21.21
N GLY A 225 26.53 20.21 -22.41
CA GLY A 225 27.30 20.62 -23.57
C GLY A 225 28.64 19.90 -23.73
N ILE A 226 29.19 19.41 -22.61
CA ILE A 226 30.47 18.69 -22.64
C ILE A 226 30.32 17.27 -23.16
N PRO A 227 31.05 16.90 -24.23
CA PRO A 227 31.01 15.51 -24.71
C PRO A 227 31.52 14.54 -23.64
N ALA A 228 30.91 13.36 -23.54
CA ALA A 228 31.26 12.34 -22.57
C ALA A 228 32.73 11.91 -22.65
N SER A 229 33.33 12.00 -23.83
CA SER A 229 34.73 11.65 -24.02
C SER A 229 35.70 12.63 -23.32
N GLU A 230 35.26 13.85 -23.06
CA GLU A 230 36.10 14.86 -22.43
C GLU A 230 36.04 14.89 -20.91
N ILE A 231 35.02 14.25 -20.31
CA ILE A 231 34.78 14.24 -18.86
C ILE A 231 35.99 13.82 -18.03
N SER A 232 36.66 12.71 -18.38
CA SER A 232 37.82 12.24 -17.60
C SER A 232 38.98 13.24 -17.58
N SER A 233 39.21 13.94 -18.71
CA SER A 233 40.27 14.96 -18.80
C SER A 233 39.93 16.16 -17.92
N ILE A 234 38.66 16.58 -17.95
CA ILE A 234 38.14 17.68 -17.13
C ILE A 234 38.27 17.37 -15.63
N LEU A 235 38.04 16.10 -15.26
CA LEU A 235 38.14 15.64 -13.88
C LEU A 235 39.58 15.60 -13.42
N GLU A 236 40.49 15.13 -14.32
CA GLU A 236 41.92 15.13 -14.04
C GLU A 236 42.44 16.55 -13.75
N LYS A 237 41.92 17.56 -14.48
CA LYS A 237 42.28 18.98 -14.28
C LYS A 237 41.77 19.61 -12.97
N GLY A 238 40.85 18.93 -12.28
CA GLY A 238 40.29 19.45 -11.05
C GLY A 238 38.93 20.11 -11.20
N GLU A 239 38.40 20.17 -12.42
CA GLU A 239 37.09 20.76 -12.69
C GLU A 239 36.00 19.82 -12.21
N ARG A 240 35.04 20.40 -11.49
CA ARG A 240 33.90 19.70 -10.92
C ARG A 240 32.60 20.45 -11.27
N LEU A 241 31.46 19.88 -10.89
CA LEU A 241 30.15 20.46 -11.12
C LEU A 241 30.02 21.78 -10.36
N PRO A 242 29.39 22.79 -10.96
CA PRO A 242 29.32 24.11 -10.30
C PRO A 242 28.37 24.17 -9.11
N GLN A 243 28.71 25.00 -8.11
CA GLN A 243 27.91 25.17 -6.89
C GLN A 243 26.50 25.65 -7.23
N PRO A 244 25.45 24.88 -6.87
CA PRO A 244 24.08 25.34 -7.17
C PRO A 244 23.78 26.62 -6.41
N PRO A 245 23.05 27.55 -7.03
CA PRO A 245 22.76 28.83 -6.33
C PRO A 245 22.08 28.69 -4.98
N ILE A 246 21.40 27.55 -4.68
CA ILE A 246 20.71 27.43 -3.40
C ILE A 246 21.56 26.83 -2.28
N CYS A 247 22.75 26.29 -2.58
CA CYS A 247 23.57 25.64 -1.56
C CYS A 247 24.54 26.59 -0.86
N THR A 248 24.58 26.53 0.47
CA THR A 248 25.63 27.20 1.20
C THR A 248 26.95 26.46 0.95
N ILE A 249 28.08 27.08 1.30
CA ILE A 249 29.38 26.50 1.11
C ILE A 249 29.54 25.14 1.83
N ASP A 250 28.76 24.87 2.89
CA ASP A 250 28.84 23.59 3.60
C ASP A 250 28.17 22.46 2.85
N VAL A 251 27.08 22.74 2.14
CA VAL A 251 26.42 21.74 1.31
C VAL A 251 27.33 21.46 0.10
N TYR A 252 27.87 22.54 -0.51
CA TYR A 252 28.78 22.37 -1.63
C TYR A 252 30.04 21.59 -1.25
N MET A 253 30.58 21.82 -0.04
CA MET A 253 31.78 21.13 0.40
C MET A 253 31.58 19.62 0.53
N ILE A 254 30.41 19.20 1.02
CA ILE A 254 30.10 17.77 1.13
C ILE A 254 30.05 17.14 -0.25
N MET A 255 29.42 17.83 -1.22
CA MET A 255 29.39 17.41 -2.62
C MET A 255 30.80 17.29 -3.22
N ARG A 256 31.69 18.31 -2.99
CA ARG A 256 33.06 18.29 -3.50
C ARG A 256 33.88 17.16 -2.85
N LYS A 257 33.62 16.84 -1.57
CA LYS A 257 34.32 15.71 -0.91
C LYS A 257 33.93 14.37 -1.59
N CYS A 258 32.69 14.28 -2.15
CA CYS A 258 32.19 13.11 -2.87
C CYS A 258 32.96 12.91 -4.20
N TRP A 259 33.51 14.01 -4.77
CA TRP A 259 34.19 13.95 -6.06
C TRP A 259 35.72 14.03 -5.99
N MET A 260 36.31 13.61 -4.87
CA MET A 260 37.76 13.57 -4.74
C MET A 260 38.37 12.37 -5.54
N ILE A 261 39.58 12.54 -6.13
CA ILE A 261 40.25 11.47 -6.88
C ILE A 261 40.51 10.24 -5.99
N ASP A 262 41.00 10.47 -4.77
CA ASP A 262 41.26 9.38 -3.82
C ASP A 262 39.92 8.95 -3.23
N ALA A 263 39.46 7.74 -3.61
CA ALA A 263 38.19 7.15 -3.19
C ALA A 263 38.04 7.08 -1.68
N ASP A 264 39.14 6.81 -0.98
CA ASP A 264 39.12 6.67 0.48
C ASP A 264 38.94 7.99 1.24
N SER A 265 39.14 9.12 0.57
CA SER A 265 38.95 10.47 1.13
C SER A 265 37.47 10.94 1.03
N ARG A 266 36.67 10.29 0.17
CA ARG A 266 35.27 10.62 0.01
C ARG A 266 34.50 10.28 1.29
N PRO A 267 33.41 11.01 1.61
CA PRO A 267 32.63 10.64 2.81
C PRO A 267 32.07 9.21 2.72
N LYS A 268 31.74 8.64 3.87
CA LYS A 268 31.07 7.34 3.93
C LYS A 268 29.55 7.64 3.95
N PHE A 269 28.71 6.71 3.46
CA PHE A 269 27.27 6.90 3.48
C PHE A 269 26.72 7.09 4.88
N ARG A 270 27.35 6.43 5.88
CA ARG A 270 26.97 6.55 7.29
C ARG A 270 27.23 7.98 7.82
N GLU A 271 28.30 8.62 7.33
CA GLU A 271 28.65 9.99 7.67
C GLU A 271 27.70 10.97 6.93
N LEU A 272 27.31 10.64 5.68
CA LEU A 272 26.39 11.46 4.89
C LEU A 272 24.97 11.47 5.50
N ILE A 273 24.53 10.34 6.08
CA ILE A 273 23.22 10.26 6.78
C ILE A 273 23.20 11.26 7.94
N ILE A 274 24.26 11.25 8.75
CA ILE A 274 24.44 12.12 9.91
C ILE A 274 24.53 13.60 9.53
N GLU A 275 25.29 13.93 8.50
CA GLU A 275 25.47 15.30 8.03
C GLU A 275 24.19 15.90 7.51
N PHE A 276 23.50 15.20 6.58
CA PHE A 276 22.25 15.75 6.05
C PHE A 276 21.12 15.75 7.11
N SER A 277 21.19 14.85 8.12
CA SER A 277 20.20 14.84 9.21
C SER A 277 20.44 16.03 10.15
N LYS A 278 21.69 16.42 10.35
CA LYS A 278 22.02 17.60 11.15
C LYS A 278 21.52 18.84 10.37
N MET A 279 21.76 18.89 9.07
CA MET A 279 21.33 19.97 8.22
C MET A 279 19.84 20.10 8.15
N ALA A 280 19.12 18.96 8.13
CA ALA A 280 17.64 18.94 8.09
C ALA A 280 17.01 19.55 9.37
N ARG A 281 17.75 19.61 10.48
CA ARG A 281 17.27 20.23 11.72
C ARG A 281 17.27 21.77 11.66
N ASP A 282 18.11 22.36 10.79
CA ASP A 282 18.23 23.81 10.58
C ASP A 282 18.15 24.07 9.06
N PRO A 283 17.04 23.72 8.40
CA PRO A 283 17.02 23.75 6.93
C PRO A 283 17.43 25.07 6.27
N GLN A 284 16.99 26.22 6.81
CA GLN A 284 17.29 27.56 6.27
C GLN A 284 18.75 27.97 6.41
N ARG A 285 19.45 27.40 7.37
CA ARG A 285 20.87 27.66 7.56
C ARG A 285 21.72 27.01 6.45
N TYR A 286 21.26 25.91 5.84
CA TYR A 286 22.07 25.20 4.86
C TYR A 286 21.64 25.41 3.40
N LEU A 287 20.37 25.71 3.14
CA LEU A 287 19.93 26.00 1.78
C LEU A 287 19.22 27.36 1.77
N VAL A 288 19.48 28.15 0.73
CA VAL A 288 18.87 29.44 0.57
C VAL A 288 17.81 29.35 -0.53
N ILE A 289 16.53 29.28 -0.12
CA ILE A 289 15.40 29.16 -1.06
C ILE A 289 14.40 30.31 -0.95
N GLN A 290 13.98 30.90 -2.10
CA GLN A 290 13.03 32.01 -2.05
C GLN A 290 11.62 31.56 -1.85
N GLY A 291 11.07 31.91 -0.69
CA GLY A 291 9.73 31.51 -0.32
C GLY A 291 9.70 30.20 0.45
N ASP A 292 10.81 29.88 1.15
CA ASP A 292 11.01 28.68 1.94
C ASP A 292 10.08 28.60 3.15
N GLU A 293 9.63 29.75 3.67
CA GLU A 293 8.68 29.82 4.79
C GLU A 293 7.31 29.29 4.33
N ARG A 294 6.90 29.69 3.11
CA ARG A 294 5.66 29.29 2.47
C ARG A 294 5.67 27.81 2.04
N MET A 295 6.86 27.24 1.79
CA MET A 295 6.97 25.86 1.36
C MET A 295 6.56 24.89 2.45
N HIS A 296 5.32 24.43 2.30
CA HIS A 296 4.55 23.56 3.18
C HIS A 296 5.33 22.42 3.85
N LEU A 297 5.46 22.53 5.18
CA LEU A 297 6.00 21.51 6.05
C LEU A 297 4.85 20.46 6.09
N PRO A 298 5.07 19.21 5.67
CA PRO A 298 3.98 18.22 5.65
C PRO A 298 3.12 18.12 6.92
N SER A 299 1.88 18.65 6.86
CA SER A 299 0.98 18.66 8.00
C SER A 299 0.58 17.24 8.41
N PRO A 300 0.35 17.01 9.72
CA PRO A 300 -0.06 15.66 10.18
C PRO A 300 -1.25 15.09 9.41
N THR A 301 -2.23 15.94 9.08
CA THR A 301 -3.40 15.56 8.29
C THR A 301 -3.02 15.01 6.91
N ASP A 302 -2.15 15.72 6.15
CA ASP A 302 -1.73 15.27 4.82
C ASP A 302 -0.87 14.03 4.84
N SER A 303 -0.02 13.92 5.87
CA SER A 303 0.85 12.77 6.06
C SER A 303 0.03 11.53 6.31
N ASN A 304 -1.03 11.65 7.14
CA ASN A 304 -1.89 10.53 7.42
C ASN A 304 -2.62 10.07 6.16
N PHE A 305 -3.15 11.02 5.36
CA PHE A 305 -3.83 10.69 4.12
C PHE A 305 -2.90 9.95 3.12
N TYR A 306 -1.72 10.53 2.82
CA TYR A 306 -0.70 9.94 1.94
C TYR A 306 -0.32 8.51 2.39
N ARG A 307 -0.07 8.33 3.69
CA ARG A 307 0.32 7.05 4.30
C ARG A 307 -0.76 5.97 4.24
N ALA A 308 -2.02 6.32 4.57
CA ALA A 308 -3.10 5.33 4.53
C ALA A 308 -3.48 4.93 3.09
N LEU A 309 -3.28 5.86 2.14
CA LEU A 309 -3.63 5.64 0.77
C LEU A 309 -2.59 4.86 -0.04
N MET A 310 -1.31 5.24 0.04
CA MET A 310 -0.28 4.63 -0.79
C MET A 310 1.07 4.39 -0.11
N ASP A 311 1.17 4.57 1.20
CA ASP A 311 2.45 4.34 1.89
C ASP A 311 2.24 3.74 3.27
N GLU A 312 1.68 2.52 3.30
CA GLU A 312 1.42 1.82 4.56
C GLU A 312 2.70 1.18 5.14
N GLU A 313 3.76 1.00 4.32
CA GLU A 313 4.98 0.36 4.79
C GLU A 313 5.69 1.15 5.92
N ASP A 314 6.52 0.44 6.68
CA ASP A 314 7.29 1.07 7.74
C ASP A 314 8.36 1.97 7.13
N MET A 315 8.61 3.14 7.75
CA MET A 315 9.62 4.11 7.32
C MET A 315 10.04 5.01 8.50
N ASP A 316 11.36 5.22 8.64
CA ASP A 316 11.99 6.07 9.65
C ASP A 316 11.37 7.48 9.62
N ASP A 317 11.16 8.11 10.78
CA ASP A 317 10.55 9.44 10.83
C ASP A 317 11.35 10.49 10.08
N VAL A 318 10.63 11.34 9.32
CA VAL A 318 11.17 12.44 8.53
C VAL A 318 11.69 13.51 9.48
N VAL A 319 12.95 13.98 9.27
CA VAL A 319 13.59 14.97 10.14
C VAL A 319 12.94 16.36 10.02
N ASP A 320 12.37 16.84 11.11
CA ASP A 320 11.70 18.15 11.13
C ASP A 320 12.58 19.27 11.68
N PRO B 7 -12.21 13.10 17.99
CA PRO B 7 -11.07 13.06 18.91
C PRO B 7 -9.78 13.63 18.30
N ASN B 8 -9.59 13.40 16.99
CA ASN B 8 -8.41 13.90 16.29
C ASN B 8 -8.82 14.43 14.92
N GLN B 9 -8.62 15.73 14.67
CA GLN B 9 -8.93 16.33 13.38
C GLN B 9 -7.90 15.93 12.30
N ALA B 10 -6.67 15.56 12.69
CA ALA B 10 -5.66 15.12 11.74
C ALA B 10 -5.96 13.72 11.14
N LEU B 11 -6.89 12.96 11.75
CA LEU B 11 -7.22 11.64 11.20
C LEU B 11 -8.21 11.71 10.04
N LEU B 12 -8.93 12.83 9.89
CA LEU B 12 -9.92 12.98 8.83
C LEU B 12 -9.56 14.09 7.86
N ARG B 13 -9.29 13.75 6.63
CA ARG B 13 -8.93 14.71 5.60
C ARG B 13 -10.18 15.37 4.97
N ILE B 14 -10.39 16.68 5.20
CA ILE B 14 -11.53 17.39 4.58
C ILE B 14 -11.23 17.65 3.10
N LEU B 15 -11.97 17.01 2.21
CA LEU B 15 -11.72 17.10 0.77
C LEU B 15 -12.62 18.08 0.00
N LYS B 16 -11.99 18.95 -0.80
CA LYS B 16 -12.71 19.89 -1.66
C LYS B 16 -13.19 19.13 -2.91
N GLU B 17 -14.32 19.55 -3.49
CA GLU B 17 -14.87 18.91 -4.68
C GLU B 17 -13.92 18.93 -5.87
N THR B 18 -12.98 19.89 -5.90
CA THR B 18 -11.99 20.02 -6.97
C THR B 18 -10.77 19.09 -6.80
N GLU B 19 -10.52 18.53 -5.60
CA GLU B 19 -9.38 17.63 -5.39
C GLU B 19 -9.60 16.22 -5.95
N PHE B 20 -10.85 15.83 -6.24
CA PHE B 20 -11.13 14.47 -6.67
C PHE B 20 -12.27 14.36 -7.68
N LYS B 21 -12.31 13.24 -8.41
CA LYS B 21 -13.35 12.95 -9.40
C LYS B 21 -13.68 11.46 -9.39
N LYS B 22 -14.98 11.10 -9.49
CA LYS B 22 -15.40 9.70 -9.61
C LYS B 22 -15.24 9.33 -11.08
N ILE B 23 -14.64 8.19 -11.37
CA ILE B 23 -14.40 7.75 -12.74
C ILE B 23 -15.14 6.47 -13.13
N LYS B 24 -15.50 5.65 -12.15
CA LYS B 24 -16.20 4.40 -12.42
C LYS B 24 -17.31 4.15 -11.38
N VAL B 25 -18.21 3.22 -11.71
CA VAL B 25 -19.31 2.79 -10.85
C VAL B 25 -18.98 1.34 -10.51
N LEU B 26 -18.82 1.04 -9.21
CA LEU B 26 -18.47 -0.32 -8.81
C LEU B 26 -19.69 -1.15 -8.36
N GLY B 27 -20.67 -0.47 -7.77
CA GLY B 27 -21.88 -1.08 -7.25
C GLY B 27 -22.70 -0.10 -6.43
N SER B 28 -23.81 -0.57 -5.84
CA SER B 28 -24.68 0.28 -5.01
C SER B 28 -25.40 -0.51 -3.90
N GLY B 29 -26.13 0.17 -3.02
CA GLY B 29 -26.86 -0.43 -1.91
C GLY B 29 -27.84 0.55 -1.27
N ALA B 30 -28.26 0.27 -0.02
CA ALA B 30 -29.20 1.16 0.67
C ALA B 30 -28.55 2.45 1.19
N PHE B 31 -27.23 2.43 1.41
CA PHE B 31 -26.56 3.61 1.94
C PHE B 31 -26.14 4.60 0.90
N GLY B 32 -25.64 4.08 -0.21
CA GLY B 32 -25.18 4.93 -1.30
C GLY B 32 -24.50 4.16 -2.40
N THR B 33 -23.87 4.91 -3.28
CA THR B 33 -23.20 4.34 -4.45
C THR B 33 -21.68 4.26 -4.25
N VAL B 34 -21.08 3.13 -4.63
CA VAL B 34 -19.65 2.93 -4.55
C VAL B 34 -19.03 3.30 -5.89
N TYR B 35 -18.16 4.31 -5.88
CA TYR B 35 -17.46 4.76 -7.09
C TYR B 35 -15.97 4.57 -6.95
N LYS B 36 -15.31 4.24 -8.06
CA LYS B 36 -13.84 4.23 -8.10
C LYS B 36 -13.48 5.68 -8.44
N GLY B 37 -12.55 6.28 -7.71
CA GLY B 37 -12.19 7.68 -7.93
C GLY B 37 -10.71 7.99 -8.10
N LEU B 38 -10.41 9.26 -8.41
CA LEU B 38 -9.03 9.69 -8.58
C LEU B 38 -8.82 10.94 -7.75
N TRP B 39 -7.82 10.92 -6.89
CA TRP B 39 -7.46 12.07 -6.08
C TRP B 39 -6.26 12.72 -6.74
N ILE B 40 -6.34 14.05 -6.91
CA ILE B 40 -5.28 14.85 -7.48
C ILE B 40 -4.86 15.78 -6.38
N PRO B 41 -3.78 15.44 -5.66
CA PRO B 41 -3.34 16.31 -4.57
C PRO B 41 -2.96 17.70 -5.08
N GLU B 42 -3.28 18.74 -4.27
CA GLU B 42 -3.03 20.14 -4.62
C GLU B 42 -1.57 20.40 -4.97
N GLY B 43 -1.34 20.97 -6.14
CA GLY B 43 0.02 21.25 -6.60
C GLY B 43 0.73 20.08 -7.27
N GLU B 44 0.02 18.97 -7.45
CA GLU B 44 0.59 17.79 -8.10
C GLU B 44 -0.10 17.47 -9.42
N LYS B 45 0.54 16.65 -10.23
CA LYS B 45 0.00 16.20 -11.52
C LYS B 45 -0.50 14.72 -11.46
N VAL B 46 -0.27 14.00 -10.34
CA VAL B 46 -0.67 12.59 -10.15
C VAL B 46 -2.20 12.35 -9.97
N LYS B 47 -2.63 11.19 -10.41
CA LYS B 47 -3.99 10.71 -10.26
C LYS B 47 -3.85 9.48 -9.36
N ILE B 48 -4.33 9.58 -8.11
CA ILE B 48 -4.23 8.51 -7.13
C ILE B 48 -5.57 7.85 -6.94
N PRO B 49 -5.69 6.56 -7.24
CA PRO B 49 -6.98 5.88 -7.07
C PRO B 49 -7.47 5.78 -5.63
N VAL B 50 -8.76 6.11 -5.43
CA VAL B 50 -9.46 6.07 -4.14
C VAL B 50 -10.84 5.36 -4.31
N ALA B 51 -11.50 5.03 -3.20
CA ALA B 51 -12.85 4.50 -3.23
C ALA B 51 -13.74 5.56 -2.60
N ILE B 52 -14.87 5.89 -3.25
CA ILE B 52 -15.79 6.92 -2.74
C ILE B 52 -17.21 6.34 -2.56
N LYS B 53 -17.82 6.55 -1.39
CA LYS B 53 -19.20 6.13 -1.20
C LYS B 53 -20.02 7.41 -1.03
N GLU B 54 -20.88 7.71 -2.01
CA GLU B 54 -21.73 8.88 -1.92
C GLU B 54 -23.03 8.45 -1.28
N LEU B 55 -23.37 9.03 -0.13
CA LEU B 55 -24.61 8.71 0.60
C LEU B 55 -25.81 9.46 -0.01
N ARG B 56 -27.01 8.81 0.03
CA ARG B 56 -28.26 9.31 -0.55
C ARG B 56 -29.03 10.37 0.21
N GLU B 57 -28.98 10.38 1.55
CA GLU B 57 -29.76 11.37 2.32
C GLU B 57 -29.27 12.81 2.13
N ALA B 58 -30.18 13.76 1.81
CA ALA B 58 -29.84 15.18 1.63
C ALA B 58 -29.34 15.79 2.96
N THR B 59 -28.23 16.56 2.92
CA THR B 59 -27.65 17.10 4.16
C THR B 59 -27.44 18.62 4.19
N SER B 60 -28.20 19.30 5.06
CA SER B 60 -28.16 20.75 5.29
C SER B 60 -26.90 21.16 6.11
N PRO B 61 -26.52 22.46 6.15
CA PRO B 61 -25.33 22.86 6.95
C PRO B 61 -25.48 22.68 8.47
N LYS B 62 -26.71 22.39 8.95
CA LYS B 62 -26.98 22.15 10.37
C LYS B 62 -26.62 20.70 10.72
N ALA B 63 -26.94 19.75 9.82
CA ALA B 63 -26.58 18.34 10.00
C ALA B 63 -25.06 18.13 9.87
N ASN B 64 -24.33 19.07 9.23
CA ASN B 64 -22.89 19.03 9.02
C ASN B 64 -22.09 18.81 10.30
N LYS B 65 -22.41 19.53 11.38
CA LYS B 65 -21.69 19.36 12.65
C LYS B 65 -21.84 17.95 13.21
N GLU B 66 -22.98 17.30 12.94
CA GLU B 66 -23.26 15.96 13.44
C GLU B 66 -22.66 14.86 12.55
N ILE B 67 -22.59 15.08 11.23
CA ILE B 67 -21.99 14.13 10.29
C ILE B 67 -20.47 14.11 10.50
N LEU B 68 -19.89 15.30 10.67
CA LEU B 68 -18.48 15.51 10.89
C LEU B 68 -18.06 14.89 12.20
N ASP B 69 -18.84 15.05 13.27
CA ASP B 69 -18.55 14.44 14.55
C ASP B 69 -18.48 12.91 14.44
N GLU B 70 -19.34 12.31 13.61
CA GLU B 70 -19.38 10.86 13.41
C GLU B 70 -18.22 10.40 12.54
N ALA B 71 -17.92 11.18 11.48
CA ALA B 71 -16.81 10.92 10.58
C ALA B 71 -15.46 10.97 11.32
N TYR B 72 -15.35 11.76 12.41
CA TYR B 72 -14.12 11.77 13.21
C TYR B 72 -13.95 10.45 13.93
N VAL B 73 -15.04 9.86 14.42
CA VAL B 73 -15.02 8.56 15.08
C VAL B 73 -14.64 7.45 14.09
N MET B 74 -15.23 7.51 12.88
CA MET B 74 -14.93 6.59 11.77
C MET B 74 -13.48 6.68 11.32
N ALA B 75 -12.87 7.87 11.43
CA ALA B 75 -11.47 8.09 11.05
C ALA B 75 -10.49 7.70 12.15
N SER B 76 -10.96 7.44 13.38
CA SER B 76 -10.11 7.03 14.49
C SER B 76 -9.93 5.51 14.60
N VAL B 77 -10.70 4.70 13.83
CA VAL B 77 -10.58 3.24 13.94
C VAL B 77 -9.26 2.75 13.31
N ASP B 78 -8.41 2.25 14.17
CA ASP B 78 -7.09 1.81 13.79
C ASP B 78 -6.91 0.36 14.10
N ASN B 79 -7.31 -0.51 13.16
CA ASN B 79 -7.19 -1.96 13.32
C ASN B 79 -6.98 -2.60 11.94
N PRO B 80 -6.09 -3.61 11.77
CA PRO B 80 -5.89 -4.19 10.43
C PRO B 80 -7.14 -4.79 9.81
N HIS B 81 -8.15 -5.11 10.62
CA HIS B 81 -9.37 -5.72 10.16
C HIS B 81 -10.57 -4.80 10.20
N VAL B 82 -10.34 -3.47 10.16
CA VAL B 82 -11.40 -2.46 10.13
C VAL B 82 -10.95 -1.37 9.17
N CYS B 83 -11.80 -1.00 8.21
CA CYS B 83 -11.45 0.07 7.26
C CYS B 83 -11.54 1.40 7.96
N ARG B 84 -10.51 2.23 7.77
CA ARG B 84 -10.50 3.52 8.37
C ARG B 84 -11.04 4.54 7.38
N LEU B 85 -11.97 5.45 7.83
CA LEU B 85 -12.43 6.53 6.95
C LEU B 85 -11.22 7.50 6.77
N LEU B 86 -10.88 7.84 5.53
CA LEU B 86 -9.70 8.65 5.26
C LEU B 86 -10.05 10.12 5.04
N GLY B 87 -11.04 10.36 4.21
CA GLY B 87 -11.47 11.71 3.91
C GLY B 87 -12.97 11.84 3.77
N ILE B 88 -13.45 13.09 3.67
CA ILE B 88 -14.87 13.37 3.51
C ILE B 88 -15.14 14.68 2.74
N CYS B 89 -16.14 14.66 1.85
CA CYS B 89 -16.58 15.83 1.11
C CYS B 89 -18.05 16.14 1.46
N LEU B 90 -18.28 17.25 2.19
CA LEU B 90 -19.60 17.69 2.60
C LEU B 90 -20.08 18.86 1.75
N THR B 91 -20.93 18.59 0.76
CA THR B 91 -21.49 19.64 -0.09
C THR B 91 -23.06 19.50 0.03
N SER B 92 -23.82 19.20 -1.05
CA SER B 92 -25.25 18.93 -0.92
C SER B 92 -25.37 17.47 -0.45
N THR B 93 -24.54 16.56 -1.04
CA THR B 93 -24.44 15.15 -0.69
C THR B 93 -23.20 14.92 0.23
N VAL B 94 -23.15 13.76 0.91
CA VAL B 94 -22.04 13.36 1.76
C VAL B 94 -21.17 12.35 1.00
N GLN B 95 -19.86 12.63 0.87
CA GLN B 95 -18.97 11.71 0.15
C GLN B 95 -17.88 11.19 1.07
N LEU B 96 -17.77 9.87 1.22
CA LEU B 96 -16.77 9.24 2.10
C LEU B 96 -15.65 8.69 1.26
N ILE B 97 -14.42 9.02 1.62
CA ILE B 97 -13.25 8.58 0.84
C ILE B 97 -12.41 7.62 1.65
N THR B 98 -12.04 6.50 1.02
CA THR B 98 -11.24 5.47 1.66
C THR B 98 -10.22 4.85 0.66
N GLN B 99 -9.41 3.90 1.12
CA GLN B 99 -8.47 3.21 0.27
C GLN B 99 -9.25 2.27 -0.64
N LEU B 100 -8.93 2.29 -1.94
CA LEU B 100 -9.60 1.47 -2.94
C LEU B 100 -9.20 -0.01 -2.83
N MET B 101 -10.18 -0.89 -2.60
CA MET B 101 -9.94 -2.35 -2.53
C MET B 101 -10.48 -3.02 -3.82
N PRO B 102 -9.59 -3.31 -4.80
CA PRO B 102 -10.06 -3.91 -6.06
C PRO B 102 -10.85 -5.23 -5.93
N PHE B 103 -10.58 -6.04 -4.90
CA PHE B 103 -11.23 -7.33 -4.73
C PHE B 103 -12.69 -7.32 -4.35
N GLY B 104 -13.22 -6.17 -3.97
CA GLY B 104 -14.61 -6.02 -3.59
C GLY B 104 -14.92 -6.59 -2.22
N CYS B 105 -16.23 -6.76 -1.94
CA CYS B 105 -16.73 -7.31 -0.69
C CYS B 105 -16.66 -8.83 -0.67
N LEU B 106 -16.55 -9.38 0.54
CA LEU B 106 -16.47 -10.80 0.75
C LEU B 106 -17.75 -11.50 0.30
N LEU B 107 -18.93 -10.86 0.34
CA LEU B 107 -20.17 -11.51 -0.16
C LEU B 107 -20.04 -11.91 -1.65
N ASP B 108 -19.80 -10.91 -2.54
CA ASP B 108 -19.58 -11.13 -3.98
C ASP B 108 -18.41 -12.08 -4.21
N TYR B 109 -17.37 -12.00 -3.38
CA TYR B 109 -16.21 -12.89 -3.51
C TYR B 109 -16.54 -14.35 -3.27
N VAL B 110 -17.25 -14.68 -2.16
CA VAL B 110 -17.57 -16.09 -1.85
C VAL B 110 -18.53 -16.68 -2.90
N ARG B 111 -19.38 -15.85 -3.51
CA ARG B 111 -20.29 -16.29 -4.57
C ARG B 111 -19.44 -16.63 -5.81
N GLU B 112 -18.62 -15.65 -6.27
CA GLU B 112 -17.73 -15.82 -7.42
C GLU B 112 -16.78 -16.99 -7.27
N HIS B 113 -16.51 -17.44 -6.04
CA HIS B 113 -15.64 -18.60 -5.80
C HIS B 113 -16.33 -19.76 -5.12
N LYS B 114 -17.64 -19.94 -5.38
CA LYS B 114 -18.47 -21.05 -4.84
C LYS B 114 -17.76 -22.44 -4.73
N ASP B 115 -17.04 -22.87 -5.77
CA ASP B 115 -16.33 -24.18 -5.78
C ASP B 115 -14.80 -23.95 -5.79
N ASN B 116 -14.34 -22.92 -5.06
CA ASN B 116 -12.92 -22.60 -5.02
C ASN B 116 -12.38 -22.21 -3.64
N ILE B 117 -13.20 -22.26 -2.57
CA ILE B 117 -12.70 -21.80 -1.27
C ILE B 117 -12.36 -22.90 -0.27
N GLY B 118 -11.11 -22.93 0.14
CA GLY B 118 -10.64 -23.89 1.13
C GLY B 118 -11.08 -23.55 2.54
N SER B 119 -11.15 -24.56 3.41
CA SER B 119 -11.55 -24.35 4.80
C SER B 119 -10.61 -23.38 5.52
N GLN B 120 -9.33 -23.40 5.16
CA GLN B 120 -8.34 -22.53 5.80
C GLN B 120 -8.66 -21.04 5.59
N TYR B 121 -9.14 -20.68 4.41
CA TYR B 121 -9.56 -19.33 4.09
C TYR B 121 -10.77 -18.95 4.93
N LEU B 122 -11.82 -19.79 4.87
CA LEU B 122 -13.08 -19.57 5.57
C LEU B 122 -12.91 -19.39 7.05
N LEU B 123 -12.17 -20.26 7.70
CA LEU B 123 -11.95 -20.16 9.13
C LEU B 123 -11.14 -18.92 9.49
N ASN B 124 -10.06 -18.62 8.73
CA ASN B 124 -9.23 -17.45 8.97
C ASN B 124 -10.00 -16.16 8.80
N TRP B 125 -10.96 -16.12 7.88
CA TRP B 125 -11.78 -14.92 7.70
C TRP B 125 -12.66 -14.69 8.93
N CYS B 126 -13.17 -15.78 9.52
CA CYS B 126 -13.99 -15.76 10.73
C CYS B 126 -13.21 -15.20 11.88
N VAL B 127 -11.94 -15.60 11.99
CA VAL B 127 -10.98 -15.09 12.98
C VAL B 127 -10.83 -13.57 12.79
N GLN B 128 -10.49 -13.10 11.57
CA GLN B 128 -10.19 -11.71 11.22
C GLN B 128 -11.36 -10.81 11.46
N ILE B 129 -12.56 -11.28 11.13
CA ILE B 129 -13.79 -10.55 11.36
C ILE B 129 -14.01 -10.37 12.85
N ALA B 130 -13.76 -11.44 13.64
CA ALA B 130 -13.90 -11.38 15.09
C ALA B 130 -12.84 -10.50 15.76
N LYS B 131 -11.63 -10.45 15.16
CA LYS B 131 -10.55 -9.59 15.64
C LYS B 131 -10.93 -8.13 15.44
N GLY B 132 -11.48 -7.79 14.28
CA GLY B 132 -11.90 -6.45 13.99
C GLY B 132 -13.07 -6.02 14.87
N MET B 133 -14.06 -6.90 15.04
CA MET B 133 -15.23 -6.64 15.88
C MET B 133 -14.83 -6.50 17.36
N ASN B 134 -13.83 -7.29 17.81
CA ASN B 134 -13.33 -7.20 19.16
C ASN B 134 -12.67 -5.87 19.40
N TYR B 135 -11.94 -5.31 18.41
CA TYR B 135 -11.34 -3.98 18.49
C TYR B 135 -12.44 -2.92 18.70
N LEU B 136 -13.52 -2.98 17.90
CA LEU B 136 -14.67 -2.07 18.02
C LEU B 136 -15.25 -2.17 19.41
N GLU B 137 -15.41 -3.38 19.95
CA GLU B 137 -15.87 -3.60 21.33
C GLU B 137 -14.92 -2.97 22.38
N ASP B 138 -13.58 -3.13 22.25
CA ASP B 138 -12.62 -2.50 23.17
C ASP B 138 -12.76 -0.98 23.17
N ARG B 139 -13.05 -0.39 21.98
CA ARG B 139 -13.28 1.05 21.83
C ARG B 139 -14.68 1.46 22.29
N ARG B 140 -15.55 0.49 22.66
CA ARG B 140 -16.95 0.66 23.10
C ARG B 140 -17.77 1.23 21.94
N LEU B 141 -17.56 0.65 20.76
CA LEU B 141 -18.25 1.08 19.55
C LEU B 141 -19.08 -0.08 19.01
N VAL B 142 -20.30 0.20 18.63
CA VAL B 142 -21.20 -0.80 18.06
C VAL B 142 -21.27 -0.54 16.54
N HIS B 143 -21.11 -1.59 15.75
CA HIS B 143 -21.11 -1.45 14.29
C HIS B 143 -22.55 -1.23 13.77
N ARG B 144 -23.46 -2.08 14.24
CA ARG B 144 -24.90 -2.07 13.94
C ARG B 144 -25.28 -2.69 12.59
N ASP B 145 -24.31 -2.91 11.71
CA ASP B 145 -24.60 -3.48 10.40
C ASP B 145 -23.48 -4.40 9.90
N LEU B 146 -23.12 -5.41 10.68
CA LEU B 146 -22.11 -6.36 10.25
C LEU B 146 -22.83 -7.40 9.35
N ALA B 147 -22.32 -7.59 8.15
CA ALA B 147 -22.87 -8.49 7.15
C ALA B 147 -21.73 -8.85 6.19
N ALA B 148 -21.87 -9.92 5.39
CA ALA B 148 -20.82 -10.27 4.43
C ALA B 148 -20.64 -9.19 3.33
N ARG B 149 -21.67 -8.36 3.07
CA ARG B 149 -21.55 -7.26 2.12
C ARG B 149 -20.66 -6.13 2.68
N ASN B 150 -20.59 -5.99 4.02
CA ASN B 150 -19.78 -5.01 4.73
C ASN B 150 -18.44 -5.56 5.23
N VAL B 151 -17.94 -6.62 4.62
CA VAL B 151 -16.62 -7.13 4.90
C VAL B 151 -15.88 -7.06 3.57
N LEU B 152 -14.73 -6.39 3.50
CA LEU B 152 -13.95 -6.23 2.27
C LEU B 152 -12.72 -7.09 2.15
N VAL B 153 -12.42 -7.46 0.92
CA VAL B 153 -11.25 -8.27 0.62
C VAL B 153 -10.07 -7.36 0.27
N LYS B 154 -9.03 -7.29 1.13
CA LYS B 154 -7.83 -6.49 0.83
C LYS B 154 -6.94 -7.36 -0.10
N THR B 155 -6.73 -8.61 0.29
CA THR B 155 -6.14 -9.74 -0.44
C THR B 155 -7.02 -10.95 -0.05
N PRO B 156 -7.00 -12.08 -0.79
CA PRO B 156 -7.81 -13.23 -0.38
C PRO B 156 -7.48 -13.73 1.05
N GLN B 157 -6.32 -13.37 1.58
CA GLN B 157 -5.86 -13.77 2.90
C GLN B 157 -6.08 -12.66 4.00
N HIS B 158 -6.61 -11.49 3.62
CA HIS B 158 -6.76 -10.38 4.57
C HIS B 158 -8.10 -9.66 4.34
N VAL B 159 -8.99 -9.74 5.33
CA VAL B 159 -10.31 -9.12 5.23
C VAL B 159 -10.49 -8.01 6.26
N LYS B 160 -11.24 -6.94 5.89
CA LYS B 160 -11.47 -5.77 6.75
C LYS B 160 -12.95 -5.38 6.77
N ILE B 161 -13.50 -5.08 7.97
CA ILE B 161 -14.89 -4.67 8.11
C ILE B 161 -15.04 -3.23 7.64
N THR B 162 -16.01 -2.98 6.74
CA THR B 162 -16.28 -1.64 6.22
C THR B 162 -17.65 -1.08 6.76
N ASP B 163 -18.04 0.13 6.35
CA ASP B 163 -19.29 0.77 6.72
C ASP B 163 -19.47 0.98 8.24
N PHE B 164 -18.37 0.99 9.05
CA PHE B 164 -18.54 1.29 10.49
C PHE B 164 -19.03 2.74 10.61
N GLY B 165 -20.10 2.94 11.36
CA GLY B 165 -20.64 4.24 11.62
C GLY B 165 -21.77 4.70 10.73
N LEU B 166 -21.94 4.14 9.49
CA LEU B 166 -22.98 4.70 8.62
C LEU B 166 -24.39 4.23 9.00
N ALA B 167 -24.55 3.17 9.80
CA ALA B 167 -25.89 2.80 10.29
C ALA B 167 -26.40 3.88 11.25
N LYS B 168 -25.48 4.44 12.08
CA LYS B 168 -25.78 5.51 13.02
C LYS B 168 -26.11 6.82 12.26
N LEU B 169 -25.45 7.04 11.08
CA LEU B 169 -25.56 8.13 10.10
C LEU B 169 -24.53 9.24 10.28
N VAL B 184 -33.78 -1.12 7.07
CA VAL B 184 -33.07 -1.84 8.13
C VAL B 184 -32.77 -3.29 7.74
N PRO B 185 -31.54 -3.78 8.05
CA PRO B 185 -31.18 -5.16 7.70
C PRO B 185 -31.79 -6.21 8.66
N ILE B 186 -33.14 -6.31 8.70
CA ILE B 186 -33.88 -7.21 9.58
C ILE B 186 -33.28 -8.63 9.68
N LYS B 187 -32.93 -9.24 8.55
CA LYS B 187 -32.45 -10.62 8.52
C LYS B 187 -31.09 -10.84 9.16
N TRP B 188 -30.35 -9.77 9.46
CA TRP B 188 -29.06 -9.85 10.16
C TRP B 188 -29.16 -9.35 11.61
N MET B 189 -30.33 -8.82 12.01
CA MET B 189 -30.54 -8.17 13.28
C MET B 189 -30.89 -9.09 14.41
N ALA B 190 -30.40 -8.76 15.62
CA ALA B 190 -30.74 -9.54 16.80
C ALA B 190 -32.21 -9.28 17.13
N LEU B 191 -32.89 -10.24 17.75
CA LEU B 191 -34.32 -10.09 18.08
C LEU B 191 -34.63 -8.76 18.84
N GLU B 192 -33.78 -8.39 19.83
CA GLU B 192 -33.93 -7.15 20.60
C GLU B 192 -33.75 -5.91 19.72
N SER B 193 -32.93 -6.02 18.65
CA SER B 193 -32.71 -4.93 17.72
C SER B 193 -33.97 -4.75 16.87
N ILE B 194 -34.56 -5.85 16.39
CA ILE B 194 -35.80 -5.77 15.62
C ILE B 194 -36.96 -5.19 16.49
N LEU B 195 -37.18 -5.77 17.69
CA LEU B 195 -38.27 -5.36 18.56
C LEU B 195 -38.11 -4.03 19.24
N HIS B 196 -36.88 -3.67 19.65
CA HIS B 196 -36.67 -2.48 20.46
C HIS B 196 -35.58 -1.56 20.01
N ARG B 197 -35.05 -1.74 18.79
CA ARG B 197 -33.94 -0.90 18.29
C ARG B 197 -32.76 -0.81 19.29
N ILE B 198 -32.51 -1.91 20.01
CA ILE B 198 -31.42 -2.00 20.96
C ILE B 198 -30.17 -2.55 20.24
N TYR B 199 -29.08 -1.78 20.22
CA TYR B 199 -27.85 -2.21 19.55
C TYR B 199 -26.71 -2.21 20.55
N THR B 200 -26.09 -3.37 20.78
CA THR B 200 -24.97 -3.52 21.70
C THR B 200 -23.86 -4.42 21.01
N HIS B 201 -22.73 -4.68 21.72
CA HIS B 201 -21.72 -5.59 21.23
C HIS B 201 -22.32 -6.99 21.04
N GLN B 202 -23.31 -7.39 21.88
CA GLN B 202 -23.92 -8.70 21.78
C GLN B 202 -24.94 -8.82 20.64
N SER B 203 -25.53 -7.70 20.18
CA SER B 203 -26.37 -7.75 18.98
C SER B 203 -25.41 -7.79 17.72
N ASP B 204 -24.21 -7.20 17.80
CA ASP B 204 -23.19 -7.31 16.75
C ASP B 204 -22.71 -8.78 16.63
N VAL B 205 -22.75 -9.56 17.74
CA VAL B 205 -22.40 -10.97 17.81
C VAL B 205 -23.45 -11.78 17.03
N TRP B 206 -24.75 -11.37 17.13
CA TRP B 206 -25.82 -12.02 16.36
C TRP B 206 -25.55 -11.82 14.86
N SER B 207 -25.22 -10.60 14.46
CA SER B 207 -24.90 -10.28 13.08
C SER B 207 -23.67 -11.02 12.58
N TYR B 208 -22.67 -11.19 13.44
CA TYR B 208 -21.45 -11.95 13.11
C TYR B 208 -21.82 -13.40 12.75
N GLY B 209 -22.79 -13.99 13.45
CA GLY B 209 -23.28 -15.34 13.22
C GLY B 209 -23.92 -15.47 11.86
N VAL B 210 -24.79 -14.53 11.51
CA VAL B 210 -25.41 -14.48 10.20
C VAL B 210 -24.34 -14.29 9.10
N THR B 211 -23.28 -13.45 9.36
CA THR B 211 -22.17 -13.20 8.43
C THR B 211 -21.38 -14.49 8.17
N VAL B 212 -21.11 -15.23 9.24
CA VAL B 212 -20.41 -16.50 9.17
C VAL B 212 -21.25 -17.48 8.33
N TRP B 213 -22.59 -17.48 8.56
CA TRP B 213 -23.56 -18.28 7.81
C TRP B 213 -23.48 -17.96 6.31
N GLU B 214 -23.40 -16.67 5.95
CA GLU B 214 -23.24 -16.24 4.57
C GLU B 214 -21.96 -16.78 3.93
N LEU B 215 -20.84 -16.84 4.68
CA LEU B 215 -19.59 -17.36 4.12
C LEU B 215 -19.64 -18.85 3.90
N MET B 216 -20.12 -19.59 4.90
CA MET B 216 -20.20 -21.04 4.89
C MET B 216 -21.17 -21.57 3.82
N THR B 217 -22.12 -20.75 3.36
CA THR B 217 -23.06 -21.09 2.30
C THR B 217 -22.66 -20.47 0.95
N PHE B 218 -21.46 -19.85 0.86
CA PHE B 218 -20.92 -19.22 -0.32
C PHE B 218 -21.82 -18.12 -0.85
N GLY B 219 -22.43 -17.37 0.07
CA GLY B 219 -23.22 -16.21 -0.27
C GLY B 219 -24.71 -16.40 -0.36
N SER B 220 -25.27 -17.44 0.28
CA SER B 220 -26.74 -17.61 0.25
C SER B 220 -27.42 -16.48 1.02
N LYS B 221 -28.64 -16.14 0.61
CA LYS B 221 -29.40 -15.10 1.28
C LYS B 221 -30.11 -15.73 2.49
N PRO B 222 -29.93 -15.14 3.70
CA PRO B 222 -30.56 -15.73 4.89
C PRO B 222 -32.07 -15.60 4.87
N TYR B 223 -32.82 -16.64 5.32
CA TYR B 223 -34.30 -16.65 5.32
C TYR B 223 -34.83 -16.32 3.91
N ASP B 224 -34.25 -16.98 2.89
CA ASP B 224 -34.60 -16.72 1.50
C ASP B 224 -36.08 -17.03 1.24
N GLY B 225 -36.83 -16.01 0.84
CA GLY B 225 -38.25 -16.16 0.56
C GLY B 225 -39.15 -15.98 1.78
N ILE B 226 -38.67 -15.26 2.79
CA ILE B 226 -39.48 -14.99 3.98
C ILE B 226 -39.59 -13.48 4.14
N PRO B 227 -40.81 -12.93 4.20
CA PRO B 227 -40.94 -11.47 4.35
C PRO B 227 -40.33 -11.00 5.66
N ALA B 228 -39.57 -9.89 5.63
CA ALA B 228 -38.91 -9.30 6.80
C ALA B 228 -39.85 -9.05 7.97
N SER B 229 -41.17 -8.95 7.71
CA SER B 229 -42.17 -8.72 8.75
C SER B 229 -42.42 -9.95 9.62
N GLU B 230 -42.21 -11.14 9.05
CA GLU B 230 -42.41 -12.39 9.76
C GLU B 230 -41.19 -12.86 10.56
N ILE B 231 -40.01 -12.25 10.33
CA ILE B 231 -38.75 -12.66 10.96
C ILE B 231 -38.78 -12.70 12.50
N SER B 232 -39.30 -11.67 13.15
CA SER B 232 -39.40 -11.66 14.61
C SER B 232 -40.25 -12.81 15.15
N SER B 233 -41.35 -13.14 14.47
CA SER B 233 -42.22 -14.25 14.91
C SER B 233 -41.50 -15.58 14.73
N ILE B 234 -40.77 -15.73 13.61
CA ILE B 234 -39.99 -16.92 13.30
C ILE B 234 -38.90 -17.14 14.34
N LEU B 235 -38.26 -16.05 14.78
CA LEU B 235 -37.22 -16.08 15.80
C LEU B 235 -37.80 -16.44 17.16
N GLU B 236 -38.94 -15.81 17.52
CA GLU B 236 -39.65 -16.12 18.77
C GLU B 236 -40.06 -17.61 18.88
N LYS B 237 -40.45 -18.27 17.77
CA LYS B 237 -40.77 -19.72 17.80
C LYS B 237 -39.53 -20.64 17.94
N GLY B 238 -38.33 -20.08 17.81
CA GLY B 238 -37.11 -20.88 17.90
C GLY B 238 -36.51 -21.26 16.56
N GLU B 239 -37.12 -20.82 15.44
CA GLU B 239 -36.57 -21.12 14.11
C GLU B 239 -35.32 -20.30 13.86
N ARG B 240 -34.28 -20.93 13.31
CA ARG B 240 -33.01 -20.28 13.00
C ARG B 240 -32.54 -20.65 11.57
N LEU B 241 -31.45 -20.01 11.10
CA LEU B 241 -30.84 -20.32 9.81
C LEU B 241 -30.34 -21.77 9.81
N PRO B 242 -30.54 -22.48 8.69
CA PRO B 242 -30.17 -23.91 8.67
C PRO B 242 -28.68 -24.16 8.66
N GLN B 243 -28.28 -25.39 9.01
CA GLN B 243 -26.88 -25.78 9.05
C GLN B 243 -26.32 -25.84 7.65
N PRO B 244 -25.31 -25.01 7.30
CA PRO B 244 -24.75 -25.10 5.94
C PRO B 244 -24.11 -26.48 5.70
N PRO B 245 -24.24 -27.03 4.49
CA PRO B 245 -23.70 -28.37 4.20
C PRO B 245 -22.25 -28.63 4.56
N ILE B 246 -21.39 -27.58 4.55
CA ILE B 246 -19.96 -27.82 4.81
C ILE B 246 -19.55 -27.74 6.27
N CYS B 247 -20.50 -27.45 7.15
CA CYS B 247 -20.28 -27.22 8.55
C CYS B 247 -20.43 -28.44 9.43
N THR B 248 -19.45 -28.67 10.29
CA THR B 248 -19.61 -29.70 11.31
C THR B 248 -20.53 -29.14 12.38
N ILE B 249 -21.11 -30.02 13.19
CA ILE B 249 -22.01 -29.64 14.27
C ILE B 249 -21.36 -28.63 15.24
N ASP B 250 -20.02 -28.65 15.39
CA ASP B 250 -19.33 -27.70 16.27
C ASP B 250 -19.37 -26.29 15.69
N VAL B 251 -19.22 -26.17 14.37
CA VAL B 251 -19.27 -24.88 13.72
C VAL B 251 -20.69 -24.35 13.78
N TYR B 252 -21.67 -25.20 13.44
CA TYR B 252 -23.07 -24.84 13.50
C TYR B 252 -23.51 -24.39 14.90
N MET B 253 -23.05 -25.09 15.97
CA MET B 253 -23.43 -24.73 17.33
C MET B 253 -22.92 -23.35 17.79
N ILE B 254 -21.76 -22.93 17.26
CA ILE B 254 -21.21 -21.61 17.53
C ILE B 254 -22.10 -20.55 16.91
N MET B 255 -22.54 -20.78 15.68
CA MET B 255 -23.48 -19.90 14.98
C MET B 255 -24.80 -19.86 15.73
N ARG B 256 -25.30 -21.03 16.22
CA ARG B 256 -26.53 -21.11 17.01
C ARG B 256 -26.42 -20.32 18.34
N LYS B 257 -25.26 -20.34 19.01
CA LYS B 257 -25.06 -19.58 20.25
C LYS B 257 -25.16 -18.07 19.97
N CYS B 258 -24.69 -17.63 18.79
CA CYS B 258 -24.73 -16.23 18.36
C CYS B 258 -26.18 -15.74 18.25
N TRP B 259 -27.12 -16.66 17.97
CA TRP B 259 -28.53 -16.33 17.82
C TRP B 259 -29.40 -16.72 19.02
N MET B 260 -28.83 -16.74 20.22
CA MET B 260 -29.61 -16.97 21.42
C MET B 260 -30.45 -15.71 21.79
N ILE B 261 -31.67 -15.88 22.32
CA ILE B 261 -32.55 -14.75 22.69
C ILE B 261 -31.86 -13.90 23.75
N ASP B 262 -31.28 -14.55 24.78
CA ASP B 262 -30.56 -13.85 25.84
C ASP B 262 -29.21 -13.41 25.28
N ALA B 263 -29.05 -12.10 25.07
CA ALA B 263 -27.86 -11.48 24.51
C ALA B 263 -26.59 -11.88 25.24
N ASP B 264 -26.69 -12.01 26.57
CA ASP B 264 -25.57 -12.35 27.44
C ASP B 264 -25.13 -13.80 27.35
N SER B 265 -25.93 -14.69 26.76
CA SER B 265 -25.56 -16.10 26.52
C SER B 265 -24.80 -16.30 25.19
N ARG B 266 -24.83 -15.29 24.31
CA ARG B 266 -24.13 -15.36 23.05
C ARG B 266 -22.64 -15.28 23.34
N PRO B 267 -21.81 -15.89 22.49
CA PRO B 267 -20.36 -15.79 22.71
C PRO B 267 -19.87 -14.33 22.65
N LYS B 268 -18.68 -14.10 23.17
CA LYS B 268 -18.06 -12.81 23.14
C LYS B 268 -17.06 -12.85 21.98
N PHE B 269 -16.82 -11.71 21.31
CA PHE B 269 -15.83 -11.65 20.21
C PHE B 269 -14.46 -12.22 20.58
N ARG B 270 -13.96 -11.95 21.79
CA ARG B 270 -12.67 -12.54 22.22
C ARG B 270 -12.71 -14.08 22.21
N GLU B 271 -13.84 -14.69 22.61
CA GLU B 271 -14.02 -16.14 22.65
C GLU B 271 -14.14 -16.70 21.21
N LEU B 272 -14.77 -15.92 20.29
CA LEU B 272 -14.89 -16.31 18.87
C LEU B 272 -13.52 -16.28 18.18
N ILE B 273 -12.61 -15.35 18.60
CA ILE B 273 -11.24 -15.35 18.03
C ILE B 273 -10.52 -16.67 18.41
N ILE B 274 -10.59 -17.05 19.68
CA ILE B 274 -9.94 -18.25 20.22
C ILE B 274 -10.45 -19.55 19.57
N GLU B 275 -11.78 -19.68 19.47
CA GLU B 275 -12.45 -20.83 18.90
C GLU B 275 -12.18 -21.00 17.42
N PHE B 276 -12.38 -19.94 16.62
CA PHE B 276 -12.11 -20.07 15.19
C PHE B 276 -10.60 -20.23 14.89
N SER B 277 -9.71 -19.78 15.80
CA SER B 277 -8.26 -19.97 15.61
C SER B 277 -7.89 -21.41 15.95
N LYS B 278 -8.53 -21.99 16.97
CA LYS B 278 -8.41 -23.40 17.35
C LYS B 278 -8.90 -24.25 16.17
N MET B 279 -9.99 -23.84 15.50
CA MET B 279 -10.50 -24.55 14.34
C MET B 279 -9.61 -24.43 13.11
N ALA B 280 -9.00 -23.25 12.94
CA ALA B 280 -8.10 -23.00 11.82
C ALA B 280 -6.84 -23.89 11.89
N ARG B 281 -6.48 -24.40 13.06
CA ARG B 281 -5.33 -25.27 13.22
C ARG B 281 -5.60 -26.71 12.71
N ASP B 282 -6.89 -27.12 12.65
CA ASP B 282 -7.33 -28.44 12.16
C ASP B 282 -8.48 -28.19 11.18
N PRO B 283 -8.20 -27.55 10.03
CA PRO B 283 -9.29 -27.14 9.15
C PRO B 283 -10.23 -28.21 8.60
N GLN B 284 -9.75 -29.43 8.38
CA GLN B 284 -10.54 -30.53 7.81
C GLN B 284 -11.53 -31.13 8.81
N ARG B 285 -11.20 -31.05 10.09
CA ARG B 285 -12.03 -31.55 11.16
C ARG B 285 -13.32 -30.70 11.34
N TYR B 286 -13.25 -29.39 11.02
CA TYR B 286 -14.37 -28.50 11.30
C TYR B 286 -15.20 -28.11 10.10
N LEU B 287 -14.62 -28.09 8.91
CA LEU B 287 -15.37 -27.86 7.68
C LEU B 287 -15.10 -29.05 6.76
N VAL B 288 -16.14 -29.54 6.10
CA VAL B 288 -16.02 -30.65 5.17
C VAL B 288 -16.17 -30.08 3.78
N ILE B 289 -15.08 -29.96 3.03
CA ILE B 289 -15.13 -29.36 1.70
C ILE B 289 -14.52 -30.31 0.67
N GLN B 290 -15.22 -30.53 -0.46
CA GLN B 290 -14.69 -31.43 -1.49
C GLN B 290 -13.65 -30.69 -2.29
N GLY B 291 -12.47 -31.28 -2.42
CA GLY B 291 -11.36 -30.69 -3.13
C GLY B 291 -10.53 -29.74 -2.28
N ASP B 292 -10.65 -29.87 -0.94
CA ASP B 292 -9.98 -29.05 0.05
C ASP B 292 -8.47 -29.24 0.07
N GLU B 293 -8.01 -30.47 -0.23
CA GLU B 293 -6.59 -30.79 -0.30
C GLU B 293 -5.89 -30.01 -1.43
N ARG B 294 -6.63 -29.69 -2.51
CA ARG B 294 -6.18 -28.93 -3.67
C ARG B 294 -6.31 -27.41 -3.46
N MET B 295 -7.22 -26.98 -2.57
CA MET B 295 -7.42 -25.56 -2.31
C MET B 295 -6.23 -24.92 -1.59
N HIS B 296 -5.37 -24.31 -2.42
CA HIS B 296 -4.11 -23.62 -2.16
C HIS B 296 -4.02 -22.87 -0.83
N LEU B 297 -3.15 -23.37 0.05
CA LEU B 297 -2.79 -22.66 1.28
C LEU B 297 -1.72 -21.66 0.74
N PRO B 298 -1.96 -20.35 0.82
CA PRO B 298 -1.01 -19.38 0.22
C PRO B 298 0.48 -19.65 0.41
N SER B 299 1.19 -19.89 -0.69
CA SER B 299 2.63 -20.14 -0.65
C SER B 299 3.34 -18.86 -0.17
N PRO B 300 4.53 -18.99 0.46
CA PRO B 300 5.26 -17.77 0.88
C PRO B 300 5.53 -16.83 -0.28
N THR B 301 5.81 -17.39 -1.47
CA THR B 301 6.04 -16.63 -2.70
C THR B 301 4.82 -15.77 -3.09
N ASP B 302 3.61 -16.34 -3.03
CA ASP B 302 2.40 -15.57 -3.36
C ASP B 302 2.00 -14.60 -2.27
N SER B 303 2.32 -14.90 -1.00
CA SER B 303 2.01 -14.02 0.12
C SER B 303 2.90 -12.78 0.04
N ASN B 304 4.19 -12.97 -0.24
CA ASN B 304 5.12 -11.87 -0.35
C ASN B 304 4.78 -10.99 -1.55
N PHE B 305 4.34 -11.60 -2.66
CA PHE B 305 3.96 -10.81 -3.84
C PHE B 305 2.73 -9.92 -3.55
N TYR B 306 1.67 -10.51 -2.98
CA TYR B 306 0.44 -9.84 -2.60
C TYR B 306 0.72 -8.73 -1.57
N ARG B 307 1.53 -9.01 -0.55
CA ARG B 307 1.88 -8.01 0.47
C ARG B 307 2.60 -6.78 -0.10
N ALA B 308 3.73 -6.97 -0.81
CA ALA B 308 4.51 -5.88 -1.40
C ALA B 308 3.73 -5.06 -2.43
N LEU B 309 2.83 -5.70 -3.17
CA LEU B 309 2.04 -4.99 -4.18
C LEU B 309 0.88 -4.18 -3.61
N MET B 310 0.06 -4.77 -2.72
CA MET B 310 -1.15 -4.10 -2.24
C MET B 310 -1.50 -4.22 -0.75
N ASP B 311 -0.66 -4.84 0.09
CA ASP B 311 -0.95 -4.96 1.53
C ASP B 311 0.28 -4.82 2.39
N GLU B 312 0.81 -3.59 2.50
CA GLU B 312 2.01 -3.37 3.30
C GLU B 312 1.73 -3.12 4.80
N GLU B 313 0.46 -2.99 5.21
CA GLU B 313 0.15 -2.70 6.61
C GLU B 313 0.46 -3.88 7.53
N ASP B 314 0.69 -3.60 8.79
CA ASP B 314 0.93 -4.63 9.78
C ASP B 314 -0.37 -5.36 10.08
N MET B 315 -0.26 -6.68 10.29
CA MET B 315 -1.42 -7.53 10.57
C MET B 315 -0.93 -8.81 11.27
N ASP B 316 -1.71 -9.34 12.23
CA ASP B 316 -1.36 -10.58 12.93
C ASP B 316 -1.18 -11.73 11.93
N ASP B 317 -0.29 -12.67 12.24
CA ASP B 317 -0.05 -13.82 11.37
C ASP B 317 -1.31 -14.65 11.18
N VAL B 318 -1.57 -15.05 9.94
CA VAL B 318 -2.67 -15.92 9.56
C VAL B 318 -2.42 -17.29 10.21
N VAL B 319 -3.47 -17.93 10.76
CA VAL B 319 -3.33 -19.23 11.42
C VAL B 319 -3.27 -20.39 10.40
N ASP B 320 -2.09 -21.00 10.24
CA ASP B 320 -1.96 -22.16 9.37
C ASP B 320 -2.13 -23.41 10.25
C1 A1IZ8 C . 9.97 -1.39 -13.00
C2 A1IZ8 C . 10.03 -0.03 -13.13
C3 A1IZ8 C . 11.11 0.73 -12.72
C7 A1IZ8 C . 14.43 -2.38 -11.93
C8 A1IZ8 C . 15.49 -3.01 -11.27
C9 A1IZ8 C . 15.41 -3.27 -9.91
C10 A1IZ8 C . 14.27 -2.87 -9.24
C11 A1IZ8 C . 12.48 -3.07 -8.03
C12 A1IZ8 C . 13.19 -2.29 -9.88
C13 A1IZ8 C . 11.14 2.20 -12.92
C14 A1IZ8 C . 11.84 4.13 -13.56
C15 A1IZ8 C . 12.44 5.41 -14.02
C16 A1IZ8 C . 10.26 5.80 -13.06
C19 A1IZ8 C . 7.82 3.74 -12.19
C20 A1IZ8 C . 6.71 3.53 -11.39
C21 A1IZ8 C . 7.77 1.88 -10.27
C22 A1IZ8 C . 11.30 7.62 -14.31
C24 A1IZ8 C . 12.75 9.61 -14.46
O1 A1IZ8 C . 10.29 8.30 -14.22
C23 A1IZ8 C . 12.57 8.19 -14.86
N2 A1IZ8 C . 11.35 6.36 -13.84
C17 A1IZ8 C . 10.61 4.36 -13.01
N1 A1IZ8 C . 12.15 2.79 -13.52
N3 A1IZ8 C . 10.14 3.10 -12.64
C18 A1IZ8 C . 8.90 2.89 -11.94
N5 A1IZ8 C . 8.89 1.97 -10.98
N4 A1IZ8 C . 6.65 2.61 -10.42
F1 A1IZ8 C . 8.98 0.58 -13.74
C4 A1IZ8 C . 12.20 0.06 -12.16
C5 A1IZ8 C . 12.18 -1.33 -11.99
C A1IZ8 C . 11.04 -2.02 -12.41
F A1IZ8 C . 10.99 -3.34 -12.21
C6 A1IZ8 C . 13.29 -1.99 -11.25
N A1IZ8 C . 12.06 -2.47 -9.08
O A1IZ8 C . 13.84 -3.38 -8.04
S SO4 D . 16.74 3.37 -17.21
O1 SO4 D . 17.29 2.15 -16.58
O2 SO4 D . 15.85 4.06 -16.28
O3 SO4 D . 17.81 4.34 -17.50
O4 SO4 D . 15.99 2.94 -18.40
C1 A1IZ8 E . -16.11 4.02 0.29
C2 A1IZ8 E . -16.52 2.79 -0.19
C3 A1IZ8 E . -16.98 1.77 0.63
C7 A1IZ8 E . -17.95 3.60 4.63
C8 A1IZ8 E . -18.06 3.85 5.99
C9 A1IZ8 E . -16.92 3.92 6.77
C10 A1IZ8 E . -15.69 3.86 6.14
C11 A1IZ8 E . -13.64 3.33 5.68
C12 A1IZ8 E . -15.55 3.58 4.79
C13 A1IZ8 E . -17.38 0.46 0.09
C14 A1IZ8 E . -18.58 -1.29 -0.35
C15 A1IZ8 E . -19.48 -2.47 -0.61
C16 A1IZ8 E . -17.35 -2.80 -1.72
C19 A1IZ8 E . -14.89 -0.80 -2.35
C20 A1IZ8 E . -13.55 -0.71 -2.66
C21 A1IZ8 E . -13.15 0.35 -0.72
C22 A1IZ8 E . -19.18 -4.29 -2.32
C24 A1IZ8 E . -20.56 -6.17 -1.52
O1 A1IZ8 E . -18.48 -4.87 -3.15
C23 A1IZ8 E . -20.57 -4.78 -2.00
N2 A1IZ8 E . -18.73 -3.25 -1.60
C17 A1IZ8 E . -17.39 -1.49 -0.99
N1 A1IZ8 E . -18.58 -0.07 0.29
N3 A1IZ8 E . -16.63 -0.37 -0.71
C18 A1IZ8 E . -15.28 -0.21 -1.16
N5 A1IZ8 E . -14.42 0.33 -0.30
N4 A1IZ8 E . -12.65 -0.16 -1.84
F1 A1IZ8 E . -16.45 2.58 -1.53
C4 A1IZ8 E . -17.05 2.03 1.99
C5 A1IZ8 E . -16.65 3.26 2.52
C A1IZ8 E . -16.18 4.23 1.64
F A1IZ8 E . -15.77 5.42 2.14
C6 A1IZ8 E . -16.72 3.49 4.00
N A1IZ8 E . -14.23 3.24 4.55
O A1IZ8 E . -14.47 3.69 6.74
#